data_7UIM
#
_entry.id   7UIM
#
_cell.length_a   1.00
_cell.length_b   1.00
_cell.length_c   1.00
_cell.angle_alpha   90.00
_cell.angle_beta   90.00
_cell.angle_gamma   90.00
#
_symmetry.space_group_name_H-M   'P 1'
#
loop_
_entity.id
_entity.type
_entity.pdbx_description
1 polymer 'E.r IIC Intron'
2 polymer 'Group II intron reverse transcriptase/maturase'
3 non-polymer 'MAGNESIUM ION'
4 non-polymer 'AMMONIUM ION'
#
loop_
_entity_poly.entity_id
_entity_poly.type
_entity_poly.pdbx_seq_one_letter_code
_entity_poly.pdbx_strand_id
1 'polyribonucleotide'
;GUUUGCGCGCCAUGGGCGCGCUCUAACGGGUGUAAGUCCCGAACAUGCCCAGGUAGUGGGAAAUGUAUAGCCGAACAGCA
AGGGUGUCUACUGUGAGGUGGAAUCUGAAGGAAGCUGUAAGCGAAUCUCUGGUCCGACGGACAGAAAUCGCAUAUAAGGC
UAGGCUUCGAGUGAUAAGCUGGCAAAGAACAGUGAAGUCUAAUAACUACCACGUUUGUAGAAGCAGAGUAAAUGCGGCGG
AUAUAUGGAGAGAAAGAGCGUGCACCUUAAGCGUGGAGGUCUCACAGAGGUUUCAUUAGCCUAGUAACAACGAACUGUGA
GAAGUCAGCCGAGCCCAUAGUAGUGAAGAAGUCUCUGUAAUGGGGAUGGAGCGAAGGGGCGAACAAUCAUUCAGUUUGAG
AAUGUCUCGUAUUGCAGAAAUGACAACAUCUGCCGUAACCAAUCGGGUAAAAGGUGGUCAAAUCAAGCGAGACGGAAAGG
AAAGAACGCAUGGACACAAGUAAUCUAAUUUCGGUUAGAUUACUACAUCGAAAAGUGUGUUACUUGUUAAGUUGAUUGAA
CCGCCGUAUACGGAACCGUACGUACGGUGGUGUGAGAGGUCGGAAUUUCUCAAUUAAGAGAAAUUCUUCCUACUCGAU
;
B
2 'polypeptide(L)'
;MDTSNLMEQILSSDNLNRAYLQVVRNKGAEGVDGMKYTELKEHLAKNGETIKGQLRTRKYKPQPARRVEIPKPDGGVRNL
GVPTVTDRFIQQAIAQVLTPIYEEQFHDHSYGFRPNRCAQQAILTALNIMNDGNDWIVDIDLEKFFDTVNHDKLMTLIGR
TIKDGDVISIVRKYLVSGIMIDDEYEDSIVGTPQGGNLSPLLANIMLNELDKEMEKRGLNFVRYADDCIIMVGSEMSANR
VMRNISRFIEEKLGLKVNMTKSKVDRPSGLKYLGFGFYFDPRAHQFKAKPHAKSVAKFKKRMKELTCRSWGVSNSYKVEK
LNQLIRGWINYFKIGSMKTLCKELDSRIRYRLRMCIWKQWKTPQNQEKNLVKLGIDRNTARRVAYTGKRIAYVCNKGAVN
VAISNKRLASFGLISMLDYYIEKCVTC
;
D
#
loop_
_chem_comp.id
_chem_comp.type
_chem_comp.name
_chem_comp.formula
A RNA linking ADENOSINE-5'-MONOPHOSPHATE 'C10 H14 N5 O7 P'
C RNA linking CYTIDINE-5'-MONOPHOSPHATE 'C9 H14 N3 O8 P'
G RNA linking GUANOSINE-5'-MONOPHOSPHATE 'C10 H14 N5 O8 P'
MG non-polymer 'MAGNESIUM ION' 'Mg 2'
NH4 non-polymer 'AMMONIUM ION' 'H4 N 1'
U RNA linking URIDINE-5'-MONOPHOSPHATE 'C9 H13 N2 O9 P'
#
# COMPACT_ATOMS: atom_id res chain seq x y z
N ASN B 5 30.47 -15.76 -11.89
CA ASN B 5 29.84 -16.92 -12.51
C ASN B 5 28.33 -16.90 -12.31
N LEU B 6 27.83 -15.86 -11.65
CA LEU B 6 26.41 -15.80 -11.33
C LEU B 6 25.60 -15.17 -12.45
N MET B 7 26.22 -14.37 -13.34
CA MET B 7 25.52 -14.03 -14.59
C MET B 7 25.33 -15.25 -15.48
N GLU B 8 26.13 -16.29 -15.29
CA GLU B 8 25.86 -17.56 -15.95
C GLU B 8 24.71 -18.32 -15.30
N GLN B 9 24.32 -17.94 -14.08
CA GLN B 9 23.06 -18.38 -13.52
C GLN B 9 21.91 -17.47 -13.96
N ILE B 10 22.22 -16.19 -14.23
CA ILE B 10 21.21 -15.25 -14.69
C ILE B 10 20.71 -15.63 -16.08
N LEU B 11 21.65 -15.89 -16.99
CA LEU B 11 21.32 -16.13 -18.39
C LEU B 11 20.95 -17.60 -18.63
N SER B 12 19.84 -18.00 -18.00
CA SER B 12 19.28 -19.32 -18.15
C SER B 12 17.80 -19.19 -18.49
N SER B 13 17.32 -20.09 -19.37
CA SER B 13 16.08 -19.87 -20.13
C SER B 13 14.86 -19.72 -19.22
N ASP B 14 14.76 -20.54 -18.18
CA ASP B 14 13.65 -20.41 -17.24
C ASP B 14 13.68 -19.07 -16.52
N ASN B 15 14.86 -18.61 -16.12
CA ASN B 15 14.97 -17.29 -15.48
C ASN B 15 14.55 -16.19 -16.43
N LEU B 16 14.99 -16.27 -17.69
CA LEU B 16 14.65 -15.22 -18.65
C LEU B 16 13.15 -15.18 -18.94
N ASN B 17 12.53 -16.34 -19.17
CA ASN B 17 11.12 -16.29 -19.52
C ASN B 17 10.25 -15.97 -18.31
N ARG B 18 10.70 -16.33 -17.10
CA ARG B 18 9.96 -15.89 -15.91
C ARG B 18 10.07 -14.38 -15.71
N ALA B 19 11.27 -13.81 -15.96
CA ALA B 19 11.42 -12.36 -15.86
C ALA B 19 10.56 -11.64 -16.90
N TYR B 20 10.55 -12.16 -18.13
CA TYR B 20 9.71 -11.61 -19.18
C TYR B 20 8.23 -11.68 -18.81
N LEU B 21 7.78 -12.82 -18.29
CA LEU B 21 6.38 -12.97 -17.90
C LEU B 21 6.01 -12.02 -16.77
N GLN B 22 6.90 -11.85 -15.80
CA GLN B 22 6.65 -10.89 -14.73
C GLN B 22 6.58 -9.45 -15.24
N VAL B 23 7.43 -9.09 -16.20
CA VAL B 23 7.38 -7.72 -16.73
C VAL B 23 6.08 -7.49 -17.50
N VAL B 24 5.63 -8.46 -18.29
CA VAL B 24 4.35 -8.27 -18.96
C VAL B 24 3.15 -8.39 -18.04
N ARG B 25 3.27 -9.05 -16.87
CA ARG B 25 2.20 -8.88 -15.89
C ARG B 25 2.27 -7.54 -15.19
N ASN B 26 3.44 -6.90 -15.13
CA ASN B 26 3.51 -5.56 -14.55
C ASN B 26 2.73 -4.55 -15.40
N LYS B 27 2.77 -4.70 -16.73
CA LYS B 27 2.09 -3.82 -17.68
C LYS B 27 2.52 -2.37 -17.48
N GLY B 28 3.82 -2.17 -17.27
CA GLY B 28 4.31 -0.85 -16.92
C GLY B 28 4.24 0.13 -18.07
N ALA B 29 4.30 1.41 -17.70
CA ALA B 29 4.26 2.48 -18.69
C ALA B 29 5.54 2.48 -19.52
N GLU B 30 5.39 2.84 -20.80
CA GLU B 30 6.48 2.71 -21.75
C GLU B 30 7.48 3.87 -21.61
N GLY B 31 7.00 5.10 -21.81
CA GLY B 31 7.83 6.26 -21.49
C GLY B 31 8.59 6.80 -22.69
N VAL B 32 9.88 7.09 -22.47
CA VAL B 32 10.69 7.78 -23.48
C VAL B 32 10.94 6.88 -24.68
N ASP B 33 11.22 5.60 -24.46
CA ASP B 33 11.31 4.66 -25.57
C ASP B 33 9.93 4.46 -26.21
N GLY B 34 8.89 4.50 -25.39
CA GLY B 34 7.53 4.34 -25.86
C GLY B 34 7.29 2.98 -26.48
N MET B 35 7.78 1.90 -25.87
CA MET B 35 7.85 0.65 -26.60
C MET B 35 7.04 -0.40 -25.84
N LYS B 36 6.11 -1.06 -26.55
CA LYS B 36 5.04 -1.82 -25.91
C LYS B 36 5.58 -3.23 -25.59
N TYR B 37 5.06 -3.81 -24.49
CA TYR B 37 5.71 -4.97 -23.89
C TYR B 37 5.56 -6.25 -24.72
N THR B 38 4.53 -6.37 -25.57
CA THR B 38 4.55 -7.49 -26.49
C THR B 38 5.60 -7.29 -27.58
N GLU B 39 5.83 -6.03 -27.97
CA GLU B 39 6.97 -5.81 -28.85
C GLU B 39 8.27 -5.95 -28.08
N LEU B 40 8.25 -5.78 -26.75
CA LEU B 40 9.40 -6.17 -25.94
C LEU B 40 9.69 -7.66 -26.09
N LYS B 41 8.63 -8.48 -26.11
CA LYS B 41 8.79 -9.90 -26.42
C LYS B 41 9.43 -10.11 -27.79
N GLU B 42 8.92 -9.43 -28.82
CA GLU B 42 9.45 -9.61 -30.17
C GLU B 42 10.91 -9.17 -30.24
N HIS B 43 11.20 -8.01 -29.65
CA HIS B 43 12.54 -7.43 -29.71
C HIS B 43 13.55 -8.27 -28.93
N LEU B 44 13.15 -8.85 -27.79
CA LEU B 44 14.03 -9.79 -27.13
C LEU B 44 14.16 -11.09 -27.91
N ALA B 45 13.11 -11.52 -28.61
CA ALA B 45 13.23 -12.72 -29.43
C ALA B 45 14.23 -12.53 -30.56
N LYS B 46 14.38 -11.29 -31.04
CA LYS B 46 15.37 -11.02 -32.06
C LYS B 46 16.70 -10.51 -31.50
N ASN B 47 16.78 -10.15 -30.21
CA ASN B 47 17.98 -9.56 -29.64
C ASN B 47 18.47 -10.28 -28.39
N GLY B 48 18.02 -11.52 -28.16
CA GLY B 48 18.41 -12.22 -26.95
C GLY B 48 19.90 -12.50 -26.88
N GLU B 49 20.47 -13.00 -27.98
CA GLU B 49 21.89 -13.28 -27.99
C GLU B 49 22.71 -12.01 -27.88
N THR B 50 22.25 -10.92 -28.50
CA THR B 50 22.94 -9.63 -28.40
C THR B 50 22.97 -9.12 -26.96
N ILE B 51 21.80 -9.10 -26.30
CA ILE B 51 21.72 -8.59 -24.94
C ILE B 51 22.48 -9.50 -23.98
N LYS B 52 22.36 -10.82 -24.14
CA LYS B 52 23.09 -11.73 -23.26
C LYS B 52 24.59 -11.65 -23.46
N GLY B 53 25.05 -11.45 -24.69
CA GLY B 53 26.47 -11.23 -24.92
C GLY B 53 26.96 -9.93 -24.33
N GLN B 54 26.15 -8.87 -24.42
CA GLN B 54 26.51 -7.61 -23.79
C GLN B 54 26.55 -7.73 -22.28
N LEU B 55 25.67 -8.55 -21.70
CA LEU B 55 25.71 -8.82 -20.28
C LEU B 55 26.98 -9.58 -19.90
N ARG B 56 27.38 -10.54 -20.74
CA ARG B 56 28.60 -11.29 -20.46
C ARG B 56 29.84 -10.42 -20.56
N THR B 57 29.89 -9.55 -21.56
CA THR B 57 31.08 -8.76 -21.84
C THR B 57 31.01 -7.34 -21.32
N ARG B 58 29.93 -6.96 -20.63
CA ARG B 58 29.82 -5.71 -19.88
C ARG B 58 29.95 -4.47 -20.78
N LYS B 59 29.44 -4.54 -22.01
CA LYS B 59 29.33 -3.36 -22.87
C LYS B 59 27.88 -2.88 -22.97
N TYR B 60 27.00 -3.37 -22.11
CA TYR B 60 25.62 -2.88 -22.05
C TYR B 60 25.61 -1.43 -21.61
N LYS B 61 24.80 -0.62 -22.28
CA LYS B 61 24.63 0.80 -21.97
C LYS B 61 23.14 1.09 -21.77
N PRO B 62 22.58 0.70 -20.63
CA PRO B 62 21.18 1.01 -20.36
C PRO B 62 21.00 2.50 -20.03
N GLN B 63 19.83 3.01 -20.39
CA GLN B 63 19.53 4.43 -20.32
C GLN B 63 18.10 4.58 -19.85
N PRO B 64 17.81 5.59 -19.00
CA PRO B 64 16.46 5.83 -18.48
C PRO B 64 15.44 6.21 -19.55
N GLY B 81 11.99 10.08 -17.35
CA GLY B 81 11.23 9.91 -16.12
C GLY B 81 10.65 8.52 -15.99
N VAL B 82 10.71 7.76 -17.07
CA VAL B 82 10.19 6.39 -17.09
C VAL B 82 11.29 5.47 -17.59
N PRO B 83 11.58 4.37 -16.89
CA PRO B 83 12.64 3.46 -17.35
C PRO B 83 12.26 2.74 -18.63
N THR B 84 13.30 2.30 -19.34
CA THR B 84 13.12 1.54 -20.57
C THR B 84 12.68 0.12 -20.25
N VAL B 85 11.88 -0.46 -21.15
CA VAL B 85 11.20 -1.72 -20.88
C VAL B 85 12.17 -2.90 -20.87
N THR B 86 13.15 -2.92 -21.78
CA THR B 86 14.18 -3.96 -21.75
C THR B 86 15.00 -3.87 -20.48
N ASP B 87 15.29 -2.65 -20.02
CA ASP B 87 15.93 -2.46 -18.73
C ASP B 87 15.06 -2.97 -17.60
N ARG B 88 13.73 -2.90 -17.74
CA ARG B 88 12.84 -3.47 -16.73
C ARG B 88 12.94 -4.99 -16.72
N PHE B 89 13.06 -5.60 -17.90
CA PHE B 89 13.24 -7.05 -17.96
C PHE B 89 14.54 -7.47 -17.30
N ILE B 90 15.61 -6.71 -17.53
CA ILE B 90 16.90 -6.98 -16.89
C ILE B 90 16.78 -6.83 -15.37
N GLN B 91 16.05 -5.80 -14.91
CA GLN B 91 15.77 -5.62 -13.49
C GLN B 91 15.09 -6.84 -12.90
N GLN B 92 14.07 -7.36 -13.59
CA GLN B 92 13.33 -8.49 -13.04
C GLN B 92 14.19 -9.74 -12.97
N ALA B 93 15.03 -9.95 -13.98
CA ALA B 93 15.96 -11.09 -13.94
C ALA B 93 16.94 -10.96 -12.78
N ILE B 94 17.49 -9.76 -12.57
CA ILE B 94 18.44 -9.53 -11.49
C ILE B 94 17.80 -9.77 -10.13
N ALA B 95 16.57 -9.25 -9.95
CA ALA B 95 15.88 -9.46 -8.68
C ALA B 95 15.56 -10.93 -8.46
N GLN B 96 15.12 -11.62 -9.50
CA GLN B 96 14.77 -13.03 -9.37
C GLN B 96 15.98 -13.88 -9.03
N VAL B 97 17.17 -13.51 -9.50
CA VAL B 97 18.32 -14.30 -9.10
C VAL B 97 18.89 -13.86 -7.75
N LEU B 98 18.57 -12.64 -7.29
CA LEU B 98 19.25 -12.12 -6.10
C LEU B 98 18.47 -12.26 -4.79
N THR B 99 17.13 -12.27 -4.82
CA THR B 99 16.40 -12.48 -3.55
C THR B 99 16.66 -13.77 -2.77
N PRO B 100 16.84 -14.97 -3.35
CA PRO B 100 17.20 -16.12 -2.50
C PRO B 100 18.60 -15.95 -1.94
N ILE B 101 18.84 -16.61 -0.80
CA ILE B 101 20.02 -16.52 0.08
C ILE B 101 20.08 -15.16 0.77
N TYR B 102 19.82 -14.08 0.03
CA TYR B 102 19.68 -12.76 0.63
C TYR B 102 18.53 -12.73 1.62
N GLU B 103 17.44 -13.45 1.33
CA GLU B 103 16.33 -13.55 2.27
C GLU B 103 16.77 -14.18 3.59
N GLU B 104 17.70 -15.13 3.55
CA GLU B 104 18.31 -15.62 4.78
C GLU B 104 19.23 -14.57 5.39
N GLN B 105 19.89 -13.77 4.55
CA GLN B 105 20.76 -12.72 5.08
C GLN B 105 19.95 -11.58 5.69
N PHE B 106 18.84 -11.22 5.06
CA PHE B 106 17.99 -10.14 5.54
C PHE B 106 17.41 -10.44 6.92
N HIS B 107 17.14 -9.37 7.67
CA HIS B 107 16.52 -9.52 8.98
C HIS B 107 15.10 -10.05 8.86
N ASP B 108 14.74 -10.97 9.76
CA ASP B 108 13.42 -11.56 9.75
C ASP B 108 12.33 -10.60 10.22
N HIS B 109 12.68 -9.54 10.95
CA HIS B 109 11.70 -8.54 11.35
C HIS B 109 11.51 -7.46 10.30
N SER B 110 12.26 -7.51 9.20
CA SER B 110 12.08 -6.59 8.09
C SER B 110 11.09 -7.17 7.07
N TYR B 111 9.93 -6.51 6.95
CA TYR B 111 8.83 -7.11 6.19
C TYR B 111 8.53 -6.41 4.87
N GLY B 112 9.53 -5.84 4.19
CA GLY B 112 9.28 -5.20 2.91
C GLY B 112 9.78 -6.01 1.71
N PHE B 113 8.93 -6.07 0.69
CA PHE B 113 9.33 -6.43 -0.67
C PHE B 113 9.82 -7.87 -0.80
N ARG B 114 9.11 -8.79 -0.16
CA ARG B 114 9.43 -10.20 -0.17
C ARG B 114 8.15 -11.00 -0.27
N PRO B 115 8.23 -12.24 -0.76
CA PRO B 115 7.11 -13.16 -0.60
C PRO B 115 6.84 -13.48 0.86
N ASN B 116 5.56 -13.67 1.17
CA ASN B 116 5.06 -14.06 2.49
C ASN B 116 5.44 -13.08 3.59
N ARG B 117 5.48 -11.77 3.30
CA ARG B 117 5.77 -10.78 4.33
C ARG B 117 5.20 -9.43 3.90
N CYS B 118 4.22 -8.93 4.66
CA CYS B 118 3.53 -7.69 4.35
C CYS B 118 3.50 -6.75 5.56
N ALA B 119 2.70 -5.68 5.47
CA ALA B 119 2.60 -4.70 6.54
C ALA B 119 1.64 -5.12 7.65
N GLN B 120 0.69 -6.02 7.35
CA GLN B 120 -0.30 -6.41 8.35
C GLN B 120 0.34 -7.21 9.47
N GLN B 121 1.17 -8.19 9.13
CA GLN B 121 1.89 -8.91 10.18
C GLN B 121 2.98 -8.06 10.81
N ALA B 122 3.41 -6.99 10.12
CA ALA B 122 4.29 -6.01 10.79
C ALA B 122 3.56 -5.31 11.92
N ILE B 123 2.33 -4.87 11.68
CA ILE B 123 1.54 -4.28 12.74
C ILE B 123 1.19 -5.32 13.80
N LEU B 124 1.03 -6.58 13.40
CA LEU B 124 0.77 -7.65 14.38
C LEU B 124 1.98 -7.86 15.29
N THR B 125 3.19 -7.87 14.72
CA THR B 125 4.41 -7.99 15.52
C THR B 125 4.58 -6.78 16.42
N ALA B 126 4.27 -5.59 15.90
CA ALA B 126 4.30 -4.39 16.73
C ALA B 126 3.31 -4.51 17.88
N LEU B 127 2.13 -5.06 17.62
CA LEU B 127 1.15 -5.28 18.69
C LEU B 127 1.69 -6.24 19.74
N ASN B 128 2.41 -7.29 19.32
CA ASN B 128 3.02 -8.20 20.27
C ASN B 128 4.03 -7.49 21.16
N ILE B 129 4.85 -6.62 20.58
CA ILE B 129 5.91 -6.04 21.41
C ILE B 129 5.48 -4.75 22.13
N MET B 130 4.34 -4.14 21.77
CA MET B 130 3.69 -3.23 22.71
C MET B 130 2.81 -3.94 23.73
N ASN B 131 2.50 -5.23 23.52
CA ASN B 131 2.04 -6.03 24.64
C ASN B 131 3.18 -6.29 25.60
N ASP B 132 4.41 -6.42 25.07
CA ASP B 132 5.58 -6.31 25.94
C ASP B 132 5.65 -4.90 26.55
N GLY B 133 5.37 -3.88 25.75
CA GLY B 133 5.07 -2.56 26.28
C GLY B 133 6.15 -1.50 26.31
N ASN B 134 6.83 -1.27 25.18
CA ASN B 134 7.70 -0.12 25.07
C ASN B 134 6.89 1.14 24.75
N ASP B 135 7.21 2.23 25.45
CA ASP B 135 6.31 3.38 25.51
C ASP B 135 6.46 4.30 24.31
N TRP B 136 7.62 4.95 24.17
CA TRP B 136 7.79 6.05 23.24
C TRP B 136 8.34 5.52 21.92
N ILE B 137 7.68 5.86 20.83
CA ILE B 137 7.96 5.29 19.52
C ILE B 137 8.71 6.32 18.70
N VAL B 138 9.85 5.91 18.14
CA VAL B 138 10.69 6.77 17.33
C VAL B 138 10.37 6.49 15.87
N ASP B 139 9.59 7.36 15.23
CA ASP B 139 9.27 7.18 13.81
C ASP B 139 10.45 7.72 13.00
N ILE B 140 11.37 6.83 12.67
CA ILE B 140 12.55 7.22 11.89
C ILE B 140 12.17 7.23 10.41
N ASP B 141 12.35 8.39 9.79
CA ASP B 141 12.12 8.57 8.37
C ASP B 141 13.44 9.04 7.76
N LEU B 142 13.66 8.69 6.50
CA LEU B 142 14.87 9.06 5.77
C LEU B 142 14.45 9.71 4.46
N GLU B 143 14.43 11.04 4.44
CA GLU B 143 13.94 11.77 3.29
C GLU B 143 14.94 11.67 2.14
N LYS B 144 14.41 11.55 0.91
CA LYS B 144 15.20 11.37 -0.31
C LYS B 144 16.20 10.22 -0.15
N PHE B 145 15.62 9.03 0.08
CA PHE B 145 16.41 7.86 0.42
C PHE B 145 17.37 7.48 -0.68
N PHE B 146 16.91 7.54 -1.94
CA PHE B 146 17.79 7.22 -3.07
C PHE B 146 18.89 8.23 -3.26
N ASP B 147 18.67 9.48 -2.84
CA ASP B 147 19.72 10.49 -2.87
C ASP B 147 20.78 10.24 -1.78
N THR B 148 20.34 9.74 -0.62
CA THR B 148 21.26 9.53 0.49
C THR B 148 22.04 8.23 0.36
N VAL B 149 21.59 7.30 -0.48
CA VAL B 149 22.29 6.04 -0.65
C VAL B 149 23.54 6.27 -1.49
N ASN B 150 24.70 5.89 -0.95
CA ASN B 150 25.93 5.93 -1.73
C ASN B 150 26.02 4.68 -2.60
N HIS B 151 26.38 4.88 -3.87
CA HIS B 151 26.58 3.75 -4.77
C HIS B 151 27.72 2.87 -4.31
N ASP B 152 28.80 3.48 -3.83
CA ASP B 152 30.03 2.74 -3.57
C ASP B 152 29.84 1.83 -2.35
N LYS B 153 29.20 2.33 -1.29
CA LYS B 153 29.00 1.53 -0.09
C LYS B 153 28.02 0.39 -0.35
N LEU B 154 26.97 0.65 -1.13
CA LEU B 154 26.02 -0.39 -1.50
C LEU B 154 26.69 -1.49 -2.32
N MET B 155 27.49 -1.09 -3.31
CA MET B 155 28.28 -2.06 -4.07
C MET B 155 29.29 -2.80 -3.18
N THR B 156 29.84 -2.12 -2.18
CA THR B 156 30.76 -2.77 -1.26
C THR B 156 30.06 -3.86 -0.47
N LEU B 157 28.84 -3.58 0.01
CA LEU B 157 28.09 -4.59 0.75
C LEU B 157 27.68 -5.74 -0.17
N ILE B 158 27.32 -5.43 -1.42
CA ILE B 158 26.99 -6.48 -2.38
C ILE B 158 28.20 -7.36 -2.64
N GLY B 159 29.36 -6.75 -2.84
CA GLY B 159 30.60 -7.50 -3.05
C GLY B 159 31.00 -8.30 -1.84
N ARG B 160 30.68 -7.81 -0.64
CA ARG B 160 30.87 -8.61 0.56
C ARG B 160 29.95 -9.82 0.57
N THR B 161 28.76 -9.69 0.00
CA THR B 161 27.84 -10.82 -0.02
C THR B 161 28.14 -11.78 -1.17
N ILE B 162 28.12 -11.28 -2.41
CA ILE B 162 28.35 -12.11 -3.60
C ILE B 162 29.70 -11.71 -4.20
N LYS B 163 30.52 -12.71 -4.52
CA LYS B 163 31.91 -12.47 -4.90
C LYS B 163 32.07 -12.22 -6.40
N ASP B 164 31.14 -12.69 -7.22
CA ASP B 164 31.28 -12.57 -8.67
C ASP B 164 31.07 -11.12 -9.10
N GLY B 165 32.00 -10.59 -9.90
CA GLY B 165 32.02 -9.18 -10.21
C GLY B 165 31.17 -8.73 -11.37
N ASP B 166 30.59 -9.64 -12.14
CA ASP B 166 29.79 -9.23 -13.29
C ASP B 166 28.46 -8.62 -12.85
N VAL B 167 27.80 -9.24 -11.87
CA VAL B 167 26.56 -8.68 -11.35
C VAL B 167 26.81 -7.36 -10.65
N ILE B 168 27.93 -7.26 -9.94
CA ILE B 168 28.34 -5.99 -9.31
C ILE B 168 28.54 -4.93 -10.38
N SER B 169 29.15 -5.33 -11.51
CA SER B 169 29.38 -4.41 -12.61
C SER B 169 28.07 -3.88 -13.20
N ILE B 170 27.12 -4.78 -13.47
CA ILE B 170 25.88 -4.33 -14.09
C ILE B 170 25.04 -3.49 -13.12
N VAL B 171 25.02 -3.88 -11.84
CA VAL B 171 24.25 -3.10 -10.87
C VAL B 171 24.89 -1.73 -10.66
N ARG B 172 26.22 -1.64 -10.72
CA ARG B 172 26.89 -0.35 -10.59
C ARG B 172 26.58 0.56 -11.78
N LYS B 173 26.77 0.06 -13.01
CA LYS B 173 26.50 0.89 -14.18
C LYS B 173 25.02 1.22 -14.30
N TYR B 174 24.17 0.41 -13.69
CA TYR B 174 22.74 0.67 -13.62
C TYR B 174 22.43 1.75 -12.59
N LEU B 175 23.18 1.77 -11.49
CA LEU B 175 22.94 2.73 -10.43
C LEU B 175 23.44 4.12 -10.81
N VAL B 176 24.50 4.21 -11.61
CA VAL B 176 24.82 5.50 -12.21
C VAL B 176 23.76 5.96 -13.19
N SER B 177 23.05 5.03 -13.81
CA SER B 177 21.96 5.37 -14.71
C SER B 177 20.70 5.75 -13.95
N GLY B 195 7.72 0.17 -9.02
CA GLY B 195 8.25 0.51 -10.34
C GLY B 195 9.48 -0.29 -10.69
N GLY B 196 10.66 0.27 -10.40
CA GLY B 196 11.89 -0.47 -10.58
C GLY B 196 11.95 -1.66 -9.66
N ASN B 197 12.43 -2.79 -10.17
CA ASN B 197 12.50 -4.03 -9.39
C ASN B 197 13.85 -4.25 -8.72
N LEU B 198 14.80 -3.34 -8.88
CA LEU B 198 16.03 -3.44 -8.11
C LEU B 198 16.07 -2.50 -6.91
N SER B 199 15.30 -1.41 -6.95
CA SER B 199 15.21 -0.48 -5.83
C SER B 199 14.68 -1.15 -4.56
N PRO B 200 13.71 -2.09 -4.60
CA PRO B 200 13.40 -2.83 -3.37
C PRO B 200 14.60 -3.56 -2.77
N LEU B 201 15.40 -4.23 -3.61
CA LEU B 201 16.52 -4.99 -3.06
C LEU B 201 17.62 -4.08 -2.55
N LEU B 202 17.86 -2.96 -3.22
CA LEU B 202 18.90 -2.04 -2.77
C LEU B 202 18.49 -1.34 -1.46
N ALA B 203 17.22 -0.92 -1.38
CA ALA B 203 16.70 -0.37 -0.13
C ALA B 203 16.75 -1.38 0.99
N ASN B 204 16.42 -2.64 0.68
CA ASN B 204 16.41 -3.68 1.69
C ASN B 204 17.84 -3.97 2.16
N ILE B 205 18.82 -3.88 1.28
CA ILE B 205 20.22 -4.09 1.66
C ILE B 205 20.66 -2.99 2.63
N MET B 206 20.45 -1.73 2.24
CA MET B 206 20.95 -0.62 3.04
C MET B 206 20.23 -0.51 4.37
N LEU B 207 18.93 -0.84 4.39
CA LEU B 207 18.23 -0.88 5.66
C LEU B 207 18.59 -2.11 6.48
N ASN B 208 18.91 -3.23 5.83
CA ASN B 208 19.15 -4.47 6.55
C ASN B 208 20.46 -4.45 7.31
N GLU B 209 21.45 -3.72 6.80
CA GLU B 209 22.65 -3.48 7.60
C GLU B 209 22.30 -2.75 8.90
N LEU B 210 21.41 -1.76 8.83
CA LEU B 210 20.94 -1.05 10.01
C LEU B 210 20.14 -1.96 10.93
N ASP B 211 19.34 -2.87 10.37
CA ASP B 211 18.59 -3.83 11.18
C ASP B 211 19.52 -4.78 11.94
N LYS B 212 20.58 -5.25 11.27
CA LYS B 212 21.58 -6.07 11.93
C LYS B 212 22.24 -5.31 13.06
N GLU B 213 22.52 -4.03 12.86
CA GLU B 213 23.07 -3.24 13.95
C GLU B 213 22.09 -3.06 15.10
N MET B 214 20.79 -2.92 14.79
CA MET B 214 19.79 -2.84 15.86
C MET B 214 19.74 -4.12 16.67
N GLU B 215 19.81 -5.27 16.01
CA GLU B 215 19.84 -6.54 16.74
C GLU B 215 21.13 -6.68 17.53
N LYS B 216 22.23 -6.12 17.04
CA LYS B 216 23.46 -6.02 17.84
C LYS B 216 23.24 -5.20 19.10
N ARG B 217 22.47 -4.11 19.01
CA ARG B 217 22.13 -3.34 20.21
C ARG B 217 21.22 -4.10 21.17
N GLY B 218 20.49 -5.10 20.68
CA GLY B 218 19.42 -5.71 21.45
C GLY B 218 18.11 -4.97 21.40
N LEU B 219 18.07 -3.82 20.73
CA LEU B 219 16.91 -2.96 20.62
C LEU B 219 15.79 -3.65 19.81
N ASN B 220 14.56 -3.23 20.09
CA ASN B 220 13.37 -3.77 19.43
C ASN B 220 12.77 -2.72 18.49
N PHE B 221 12.52 -3.13 17.26
CA PHE B 221 12.03 -2.21 16.23
C PHE B 221 11.44 -3.02 15.08
N VAL B 222 10.59 -2.36 14.30
CA VAL B 222 10.02 -2.92 13.08
C VAL B 222 10.24 -1.91 11.96
N ARG B 223 10.33 -2.39 10.72
CA ARG B 223 10.32 -1.49 9.57
C ARG B 223 9.73 -2.24 8.39
N TYR B 224 8.92 -1.54 7.59
CA TYR B 224 8.42 -2.13 6.35
C TYR B 224 9.41 -1.94 5.21
N ALA B 225 9.53 -0.72 4.70
CA ALA B 225 10.40 -0.42 3.59
C ALA B 225 11.40 0.66 3.91
N ASP B 226 10.94 1.81 4.38
CA ASP B 226 11.81 2.95 4.66
C ASP B 226 11.51 3.51 6.04
N ASP B 227 10.28 3.33 6.50
CA ASP B 227 9.83 3.88 7.78
C ASP B 227 10.16 2.90 8.90
N CYS B 228 10.79 3.40 9.95
CA CYS B 228 11.22 2.57 11.08
C CYS B 228 10.49 3.00 12.33
N ILE B 229 9.86 2.05 13.02
CA ILE B 229 9.31 2.27 14.35
C ILE B 229 10.23 1.58 15.35
N ILE B 230 10.83 2.38 16.22
CA ILE B 230 11.85 1.93 17.17
C ILE B 230 11.27 2.11 18.56
N MET B 231 11.16 1.01 19.31
CA MET B 231 10.28 0.99 20.47
C MET B 231 11.11 0.92 21.75
N VAL B 232 10.92 1.91 22.62
CA VAL B 232 11.72 2.05 23.83
C VAL B 232 10.80 2.57 24.94
N GLY B 233 11.02 2.08 26.17
CA GLY B 233 10.10 2.33 27.26
C GLY B 233 10.29 3.62 28.05
N SER B 234 11.40 4.31 27.87
CA SER B 234 11.73 5.47 28.68
C SER B 234 12.00 6.67 27.78
N GLU B 235 11.47 7.84 28.18
CA GLU B 235 11.65 9.05 27.39
C GLU B 235 13.10 9.51 27.36
N MET B 236 13.81 9.41 28.48
CA MET B 236 15.24 9.66 28.48
C MET B 236 15.95 8.66 27.59
N SER B 237 15.56 7.39 27.68
CA SER B 237 16.10 6.39 26.76
C SER B 237 15.60 6.60 25.34
N ALA B 238 14.42 7.21 25.18
CA ALA B 238 13.95 7.55 23.84
C ALA B 238 14.84 8.60 23.19
N ASN B 239 15.20 9.65 23.95
CA ASN B 239 16.11 10.65 23.41
C ASN B 239 17.52 10.09 23.23
N ARG B 240 17.93 9.17 24.11
CA ARG B 240 19.24 8.54 23.94
C ARG B 240 19.30 7.69 22.68
N VAL B 241 18.28 6.87 22.43
CA VAL B 241 18.21 6.03 21.24
C VAL B 241 18.07 6.89 19.99
N MET B 242 17.29 7.97 20.08
CA MET B 242 17.23 8.98 19.02
C MET B 242 18.60 9.51 18.63
N ARG B 243 19.38 9.94 19.62
CA ARG B 243 20.69 10.51 19.31
C ARG B 243 21.63 9.46 18.76
N ASN B 244 21.61 8.24 19.33
CA ASN B 244 22.45 7.15 18.86
C ASN B 244 22.16 6.83 17.39
N ILE B 245 20.88 6.67 17.07
CA ILE B 245 20.45 6.28 15.74
C ILE B 245 20.66 7.38 14.71
N SER B 246 20.37 8.64 15.07
CA SER B 246 20.61 9.74 14.15
C SER B 246 22.09 9.89 13.83
N ARG B 247 22.96 9.80 14.84
CA ARG B 247 24.40 9.88 14.58
C ARG B 247 24.90 8.68 13.79
N PHE B 248 24.39 7.48 14.09
CA PHE B 248 24.79 6.26 13.39
C PHE B 248 24.36 6.27 11.92
N ILE B 249 23.17 6.80 11.64
CA ILE B 249 22.74 6.95 10.26
C ILE B 249 23.55 8.03 9.55
N GLU B 250 23.80 9.15 10.23
CA GLU B 250 24.47 10.28 9.59
C GLU B 250 25.94 10.00 9.28
N GLU B 251 26.61 9.13 10.04
CA GLU B 251 28.02 8.88 9.70
C GLU B 251 28.23 7.53 9.02
N LYS B 252 27.79 6.44 9.65
CA LYS B 252 28.21 5.11 9.19
C LYS B 252 27.49 4.69 7.91
N LEU B 253 26.17 4.84 7.86
CA LEU B 253 25.41 4.39 6.70
C LEU B 253 25.57 5.35 5.54
N GLY B 254 25.83 6.63 5.82
CA GLY B 254 25.82 7.66 4.81
C GLY B 254 24.45 8.24 4.54
N LEU B 255 23.40 7.69 5.14
CA LEU B 255 22.04 8.14 4.94
C LEU B 255 21.74 9.34 5.83
N LYS B 256 20.60 9.98 5.57
CA LYS B 256 20.16 11.12 6.36
C LYS B 256 18.74 10.90 6.88
N VAL B 257 18.53 11.23 8.15
CA VAL B 257 17.23 11.11 8.81
C VAL B 257 16.73 12.51 9.11
N ASN B 258 15.49 12.80 8.72
CA ASN B 258 14.92 14.11 8.98
C ASN B 258 14.58 14.29 10.45
N MET B 259 14.81 15.49 10.96
CA MET B 259 14.34 15.85 12.29
C MET B 259 12.87 16.27 12.30
N THR B 260 12.20 16.26 11.15
CA THR B 260 10.78 16.61 11.13
C THR B 260 9.91 15.43 11.56
N LYS B 261 10.10 14.26 10.95
CA LYS B 261 9.27 13.11 11.29
C LYS B 261 9.77 12.38 12.52
N SER B 262 11.07 12.45 12.79
CA SER B 262 11.68 11.69 13.89
C SER B 262 11.58 12.47 15.20
N LYS B 263 10.37 12.47 15.76
CA LYS B 263 10.10 12.94 17.10
C LYS B 263 9.78 11.77 18.01
N VAL B 264 10.28 11.82 19.23
CA VAL B 264 10.02 10.80 20.23
C VAL B 264 8.65 11.10 20.84
N ASP B 265 7.60 10.53 20.23
CA ASP B 265 6.23 10.84 20.60
C ASP B 265 5.52 9.58 21.09
N ARG B 266 4.36 9.81 21.70
CA ARG B 266 3.52 8.71 22.15
C ARG B 266 2.95 7.97 20.93
N PRO B 267 2.59 6.70 21.09
CA PRO B 267 2.01 5.95 19.94
C PRO B 267 0.72 6.53 19.41
N SER B 268 -0.07 7.21 20.23
CA SER B 268 -1.33 7.77 19.76
C SER B 268 -1.11 8.95 18.83
N GLY B 269 0.09 9.53 18.83
CA GLY B 269 0.35 10.71 18.03
C GLY B 269 1.13 10.49 16.76
N LEU B 270 1.65 9.28 16.55
CA LEU B 270 2.48 8.98 15.39
C LEU B 270 1.99 7.70 14.73
N LYS B 271 1.82 7.74 13.41
CA LYS B 271 1.21 6.66 12.66
C LYS B 271 2.24 5.89 11.86
N TYR B 272 1.89 4.65 11.53
CA TYR B 272 2.77 3.75 10.79
C TYR B 272 1.94 3.02 9.74
N LEU B 273 2.08 3.47 8.49
CA LEU B 273 1.43 2.86 7.31
C LEU B 273 -0.09 2.91 7.41
N GLY B 274 -0.62 4.10 7.60
CA GLY B 274 -2.06 4.30 7.61
C GLY B 274 -2.77 3.78 8.83
N PHE B 275 -2.04 3.37 9.86
CA PHE B 275 -2.62 2.81 11.07
C PHE B 275 -2.27 3.70 12.25
N GLY B 276 -3.26 4.02 13.06
CA GLY B 276 -3.02 4.63 14.35
C GLY B 276 -3.17 3.62 15.45
N PHE B 277 -2.56 3.87 16.60
CA PHE B 277 -2.66 2.99 17.75
C PHE B 277 -3.42 3.72 18.86
N TYR B 278 -4.49 3.11 19.34
CA TYR B 278 -5.20 3.63 20.49
C TYR B 278 -5.00 2.69 21.68
N PHE B 279 -5.48 3.13 22.84
CA PHE B 279 -5.33 2.34 24.06
C PHE B 279 -6.63 1.60 24.34
N ASP B 280 -6.58 0.28 24.26
CA ASP B 280 -7.59 -0.58 24.86
C ASP B 280 -7.62 -0.27 26.35
N PRO B 281 -8.74 0.22 26.91
CA PRO B 281 -8.77 0.46 28.34
C PRO B 281 -8.92 -0.78 29.22
N ARG B 282 -8.72 -1.97 28.68
CA ARG B 282 -8.19 -3.09 29.44
C ARG B 282 -6.67 -3.06 29.32
N ALA B 283 -5.99 -3.18 30.45
CA ALA B 283 -4.59 -2.77 30.57
C ALA B 283 -3.61 -3.60 29.74
N HIS B 284 -4.03 -4.74 29.19
CA HIS B 284 -3.06 -5.63 28.55
C HIS B 284 -2.79 -5.27 27.08
N GLN B 285 -3.77 -4.77 26.34
CA GLN B 285 -3.60 -4.50 24.92
C GLN B 285 -3.39 -3.02 24.64
N PHE B 286 -2.57 -2.74 23.62
CA PHE B 286 -2.44 -1.45 22.97
C PHE B 286 -2.96 -1.65 21.56
N LYS B 287 -4.22 -1.28 21.31
CA LYS B 287 -4.90 -1.78 20.13
C LYS B 287 -4.68 -0.87 18.92
N ALA B 288 -5.10 -1.37 17.76
CA ALA B 288 -4.89 -0.72 16.49
C ALA B 288 -6.21 -0.22 15.90
N LYS B 289 -6.10 0.79 15.04
CA LYS B 289 -7.23 1.31 14.29
C LYS B 289 -6.70 1.97 13.02
N PRO B 290 -7.54 2.12 12.00
CA PRO B 290 -7.14 2.97 10.87
C PRO B 290 -7.00 4.42 11.30
N HIS B 291 -5.88 5.02 10.91
CA HIS B 291 -5.67 6.43 11.21
C HIS B 291 -6.67 7.25 10.41
N ALA B 292 -7.08 8.37 11.02
CA ALA B 292 -8.20 9.16 10.50
C ALA B 292 -7.96 9.72 9.11
N LYS B 293 -6.70 9.87 8.69
CA LYS B 293 -6.45 10.31 7.32
C LYS B 293 -6.82 9.24 6.31
N SER B 294 -6.62 7.97 6.66
CA SER B 294 -7.05 6.87 5.80
C SER B 294 -8.57 6.87 5.62
N VAL B 295 -9.31 7.03 6.72
CA VAL B 295 -10.76 7.07 6.63
C VAL B 295 -11.22 8.35 5.94
N ALA B 296 -10.47 9.44 6.08
CA ALA B 296 -10.78 10.65 5.33
C ALA B 296 -10.65 10.44 3.84
N LYS B 297 -9.61 9.71 3.41
CA LYS B 297 -9.47 9.35 2.00
C LYS B 297 -10.59 8.42 1.55
N PHE B 298 -10.96 7.46 2.40
CA PHE B 298 -12.07 6.54 2.12
C PHE B 298 -13.38 7.30 1.90
N LYS B 299 -13.72 8.19 2.82
CA LYS B 299 -14.93 9.01 2.72
C LYS B 299 -14.87 9.90 1.49
N LYS B 300 -13.70 10.50 1.21
CA LYS B 300 -13.57 11.44 0.10
C LYS B 300 -13.75 10.74 -1.23
N ARG B 301 -13.07 9.60 -1.43
CA ARG B 301 -13.23 8.84 -2.65
C ARG B 301 -14.65 8.28 -2.77
N MET B 302 -15.24 7.89 -1.64
CA MET B 302 -16.62 7.42 -1.64
C MET B 302 -17.57 8.49 -2.15
N LYS B 303 -17.49 9.68 -1.55
CA LYS B 303 -18.37 10.79 -1.88
C LYS B 303 -18.13 11.29 -3.30
N GLU B 304 -16.88 11.30 -3.74
CA GLU B 304 -16.61 11.65 -5.13
C GLU B 304 -17.03 10.56 -6.10
N LEU B 305 -17.19 9.32 -5.64
CA LEU B 305 -17.65 8.27 -6.55
C LEU B 305 -19.16 8.22 -6.66
N THR B 306 -19.89 8.43 -5.57
CA THR B 306 -21.35 8.38 -5.61
C THR B 306 -22.01 9.76 -5.56
N CYS B 307 -21.44 10.74 -6.26
CA CYS B 307 -22.16 12.00 -6.46
C CYS B 307 -23.44 11.74 -7.26
N ARG B 308 -24.57 12.20 -6.72
CA ARG B 308 -25.86 11.94 -7.36
C ARG B 308 -26.07 12.77 -8.62
N SER B 309 -25.21 13.74 -8.90
CA SER B 309 -25.26 14.42 -10.17
C SER B 309 -24.54 13.67 -11.28
N TRP B 310 -23.95 12.50 -10.98
CA TRP B 310 -23.30 11.71 -12.01
C TRP B 310 -24.32 11.05 -12.91
N GLY B 311 -23.95 10.90 -14.19
CA GLY B 311 -24.82 10.33 -15.19
C GLY B 311 -24.72 8.83 -15.40
N VAL B 312 -23.98 8.12 -14.56
CA VAL B 312 -23.75 6.71 -14.77
C VAL B 312 -24.77 5.90 -13.97
N SER B 313 -25.15 4.73 -14.50
CA SER B 313 -26.11 3.87 -13.84
C SER B 313 -25.58 3.38 -12.50
N ASN B 314 -26.49 3.27 -11.53
CA ASN B 314 -26.10 2.98 -10.15
C ASN B 314 -25.64 1.56 -9.93
N SER B 315 -25.86 0.63 -10.87
CA SER B 315 -25.27 -0.69 -10.73
C SER B 315 -23.76 -0.63 -10.91
N TYR B 316 -23.30 0.20 -11.86
CA TYR B 316 -21.87 0.44 -12.04
C TYR B 316 -21.25 1.07 -10.79
N LYS B 317 -21.96 2.04 -10.19
CA LYS B 317 -21.45 2.66 -8.98
C LYS B 317 -21.47 1.69 -7.80
N VAL B 318 -22.47 0.80 -7.76
CA VAL B 318 -22.51 -0.23 -6.73
C VAL B 318 -21.32 -1.17 -6.86
N GLU B 319 -20.97 -1.55 -8.09
CA GLU B 319 -19.82 -2.43 -8.30
C GLU B 319 -18.51 -1.73 -7.96
N LYS B 320 -18.38 -0.44 -8.29
CA LYS B 320 -17.16 0.29 -7.90
C LYS B 320 -17.06 0.45 -6.38
N LEU B 321 -18.18 0.71 -5.72
CA LEU B 321 -18.23 0.73 -4.26
C LEU B 321 -17.79 -0.61 -3.70
N ASN B 322 -18.25 -1.70 -4.32
CA ASN B 322 -17.89 -3.04 -3.86
C ASN B 322 -16.40 -3.31 -4.04
N GLN B 323 -15.81 -2.82 -5.14
CA GLN B 323 -14.37 -2.95 -5.34
C GLN B 323 -13.58 -2.22 -4.25
N LEU B 324 -14.00 -0.98 -3.94
CA LEU B 324 -13.26 -0.24 -2.92
C LEU B 324 -13.42 -0.86 -1.53
N ILE B 325 -14.60 -1.39 -1.18
CA ILE B 325 -14.75 -1.98 0.15
C ILE B 325 -13.96 -3.28 0.26
N ARG B 326 -13.95 -4.12 -0.80
CA ARG B 326 -13.18 -5.35 -0.66
C ARG B 326 -11.68 -5.07 -0.57
N GLY B 327 -11.16 -4.09 -1.33
CA GLY B 327 -9.78 -3.69 -1.16
C GLY B 327 -9.49 -3.13 0.22
N TRP B 328 -10.43 -2.34 0.74
CA TRP B 328 -10.22 -1.65 2.01
C TRP B 328 -10.25 -2.61 3.19
N ILE B 329 -11.09 -3.64 3.14
CA ILE B 329 -11.06 -4.68 4.17
C ILE B 329 -9.79 -5.51 4.05
N ASN B 330 -9.43 -5.89 2.82
CA ASN B 330 -8.24 -6.70 2.65
C ASN B 330 -6.96 -5.96 3.05
N TYR B 331 -6.99 -4.63 3.12
CA TYR B 331 -5.85 -3.91 3.68
C TYR B 331 -6.00 -3.69 5.19
N PHE B 332 -7.12 -3.14 5.66
CA PHE B 332 -7.28 -2.69 7.03
C PHE B 332 -7.98 -3.71 7.92
N LYS B 333 -7.73 -5.01 7.72
CA LYS B 333 -8.49 -6.04 8.41
C LYS B 333 -8.25 -6.00 9.93
N ILE B 334 -7.00 -5.89 10.34
CA ILE B 334 -6.66 -6.03 11.75
C ILE B 334 -7.05 -4.80 12.58
N GLY B 335 -6.85 -3.59 12.05
CA GLY B 335 -7.22 -2.39 12.79
C GLY B 335 -8.73 -2.18 12.78
N SER B 336 -9.28 -1.85 13.95
CA SER B 336 -10.72 -1.81 14.09
C SER B 336 -11.28 -0.41 13.84
N MET B 337 -12.28 -0.31 12.97
CA MET B 337 -13.09 0.90 12.88
C MET B 337 -14.57 0.58 12.85
N LYS B 338 -14.99 -0.51 13.50
CA LYS B 338 -16.35 -1.02 13.36
C LYS B 338 -17.37 0.01 13.83
N THR B 339 -17.08 0.69 14.94
CA THR B 339 -17.92 1.79 15.40
C THR B 339 -17.87 3.00 14.46
N LEU B 340 -16.85 3.09 13.61
CA LEU B 340 -16.79 4.14 12.61
C LEU B 340 -17.30 3.66 11.26
N CYS B 341 -16.96 2.44 10.89
CA CYS B 341 -17.40 1.90 9.60
C CYS B 341 -18.90 1.60 9.59
N LYS B 342 -19.52 1.41 10.76
CA LYS B 342 -20.96 1.21 10.76
C LYS B 342 -21.71 2.52 10.57
N GLU B 343 -21.20 3.61 11.16
CA GLU B 343 -21.72 4.94 10.84
C GLU B 343 -21.52 5.26 9.37
N LEU B 344 -20.37 4.88 8.84
CA LEU B 344 -20.12 4.98 7.40
C LEU B 344 -21.04 4.08 6.58
N ASP B 345 -21.48 2.95 7.12
CA ASP B 345 -22.48 2.10 6.46
C ASP B 345 -23.82 2.81 6.38
N SER B 346 -24.23 3.44 7.48
CA SER B 346 -25.45 4.25 7.46
C SER B 346 -25.34 5.35 6.42
N ARG B 347 -24.17 5.97 6.34
CA ARG B 347 -23.91 6.95 5.28
C ARG B 347 -23.99 6.31 3.89
N ILE B 348 -23.56 5.05 3.78
CA ILE B 348 -23.62 4.34 2.49
C ILE B 348 -25.06 4.19 2.03
N ARG B 349 -25.93 3.71 2.92
CA ARG B 349 -27.30 3.45 2.48
C ARG B 349 -28.07 4.74 2.27
N TYR B 350 -27.81 5.75 3.12
CA TYR B 350 -28.43 7.05 2.92
C TYR B 350 -27.98 7.67 1.59
N ARG B 351 -26.70 7.52 1.25
CA ARG B 351 -26.20 8.04 0.00
C ARG B 351 -26.78 7.30 -1.20
N LEU B 352 -26.96 5.98 -1.08
CA LEU B 352 -27.57 5.22 -2.18
C LEU B 352 -29.02 5.62 -2.40
N ARG B 353 -29.78 5.77 -1.30
CA ARG B 353 -31.18 6.16 -1.44
C ARG B 353 -31.30 7.58 -2.01
N MET B 354 -30.41 8.49 -1.58
CA MET B 354 -30.38 9.83 -2.15
C MET B 354 -30.04 9.80 -3.64
N CYS B 355 -29.07 8.95 -4.02
CA CYS B 355 -28.68 8.84 -5.42
C CYS B 355 -29.81 8.27 -6.28
N ILE B 356 -30.51 7.25 -5.79
CA ILE B 356 -31.62 6.66 -6.54
C ILE B 356 -32.75 7.67 -6.70
N TRP B 357 -33.05 8.42 -5.62
CA TRP B 357 -34.06 9.47 -5.73
C TRP B 357 -33.66 10.55 -6.72
N LYS B 358 -32.38 10.91 -6.76
CA LYS B 358 -31.93 11.88 -7.76
C LYS B 358 -32.00 11.29 -9.17
N GLN B 359 -31.67 10.02 -9.33
CA GLN B 359 -31.66 9.41 -10.65
C GLN B 359 -33.05 9.14 -11.19
N TRP B 360 -34.07 9.12 -10.34
CA TRP B 360 -35.43 8.99 -10.86
C TRP B 360 -35.89 10.29 -11.52
N LYS B 361 -35.66 11.42 -10.85
CA LYS B 361 -35.53 12.75 -11.46
C LYS B 361 -36.82 13.33 -12.03
N THR B 362 -37.88 12.54 -12.15
CA THR B 362 -39.14 13.04 -12.68
C THR B 362 -40.23 12.83 -11.64
N PRO B 363 -40.94 13.89 -11.24
CA PRO B 363 -41.94 13.73 -10.15
C PRO B 363 -43.03 12.72 -10.44
N GLN B 364 -43.47 12.62 -11.70
CA GLN B 364 -44.50 11.65 -12.06
C GLN B 364 -44.00 10.22 -11.89
N ASN B 365 -42.85 9.89 -12.47
CA ASN B 365 -42.37 8.53 -12.29
C ASN B 365 -41.77 8.33 -10.91
N GLN B 366 -41.42 9.42 -10.21
CA GLN B 366 -41.12 9.30 -8.78
C GLN B 366 -42.33 8.76 -8.04
N GLU B 367 -43.51 9.34 -8.30
CA GLU B 367 -44.74 8.84 -7.70
C GLU B 367 -45.02 7.40 -8.10
N LYS B 368 -44.82 7.09 -9.38
CA LYS B 368 -45.11 5.74 -9.88
C LYS B 368 -44.18 4.71 -9.26
N ASN B 369 -42.88 5.01 -9.17
CA ASN B 369 -41.95 4.07 -8.56
C ASN B 369 -42.15 3.96 -7.06
N LEU B 370 -42.53 5.07 -6.40
CA LEU B 370 -42.78 5.01 -4.97
C LEU B 370 -44.01 4.17 -4.65
N VAL B 371 -45.06 4.28 -5.47
CA VAL B 371 -46.25 3.48 -5.19
C VAL B 371 -46.02 2.03 -5.60
N LYS B 372 -45.10 1.78 -6.55
CA LYS B 372 -44.66 0.42 -6.78
C LYS B 372 -43.83 -0.12 -5.62
N LEU B 373 -43.14 0.75 -4.89
CA LEU B 373 -42.32 0.30 -3.77
C LEU B 373 -43.17 -0.24 -2.62
N GLY B 374 -44.40 0.23 -2.48
CA GLY B 374 -45.28 -0.32 -1.47
C GLY B 374 -45.87 0.67 -0.49
N ILE B 375 -45.94 1.95 -0.85
CA ILE B 375 -46.54 2.97 -0.01
C ILE B 375 -47.82 3.48 -0.69
N ASP B 376 -48.63 4.20 0.09
CA ASP B 376 -49.94 4.60 -0.39
C ASP B 376 -49.85 5.80 -1.32
N ARG B 377 -50.94 6.03 -2.06
CA ARG B 377 -50.90 6.90 -3.23
C ARG B 377 -50.76 8.36 -2.79
N ASN B 378 -51.53 8.80 -1.79
CA ASN B 378 -51.51 10.21 -1.41
C ASN B 378 -50.24 10.59 -0.65
N THR B 379 -49.71 9.69 0.18
CA THR B 379 -48.43 9.93 0.80
C THR B 379 -47.33 10.03 -0.26
N ALA B 380 -47.39 9.15 -1.27
CA ALA B 380 -46.49 9.27 -2.40
C ALA B 380 -46.67 10.58 -3.13
N ARG B 381 -47.91 11.07 -3.20
CA ARG B 381 -48.19 12.34 -3.88
C ARG B 381 -47.55 13.51 -3.16
N ARG B 382 -47.77 13.60 -1.85
CA ARG B 382 -47.22 14.72 -1.11
C ARG B 382 -45.70 14.63 -1.07
N VAL B 383 -45.16 13.41 -0.93
CA VAL B 383 -43.71 13.24 -0.94
C VAL B 383 -43.12 13.56 -2.32
N ALA B 384 -43.86 13.24 -3.40
CA ALA B 384 -43.34 13.51 -4.74
C ALA B 384 -43.34 14.99 -5.07
N TYR B 385 -44.36 15.73 -4.61
CA TYR B 385 -44.27 17.18 -4.76
C TYR B 385 -43.21 17.76 -3.83
N THR B 386 -42.98 17.11 -2.70
CA THR B 386 -41.94 17.58 -1.78
C THR B 386 -40.54 17.27 -2.30
N GLY B 387 -40.41 16.35 -3.25
CA GLY B 387 -39.15 15.73 -3.65
C GLY B 387 -38.09 16.68 -4.17
N LYS B 388 -38.45 17.91 -4.52
CA LYS B 388 -37.44 18.89 -4.87
C LYS B 388 -36.63 19.22 -3.61
N ARG B 389 -35.30 19.22 -3.76
CA ARG B 389 -34.35 19.17 -2.66
C ARG B 389 -34.66 18.08 -1.63
N ILE B 390 -35.20 18.50 -0.47
CA ILE B 390 -35.48 17.71 0.74
C ILE B 390 -34.41 16.67 1.09
N ALA B 391 -33.18 17.13 1.30
CA ALA B 391 -32.17 16.25 1.89
C ALA B 391 -32.56 15.84 3.31
N TYR B 392 -33.28 16.71 4.03
CA TYR B 392 -33.73 16.39 5.39
C TYR B 392 -34.77 15.28 5.40
N VAL B 393 -35.71 15.30 4.45
CA VAL B 393 -36.66 14.20 4.35
C VAL B 393 -35.94 12.94 3.85
N CYS B 394 -34.88 13.07 3.06
CA CYS B 394 -34.14 11.91 2.58
C CYS B 394 -33.40 11.20 3.71
N ASN B 395 -32.72 11.95 4.59
CA ASN B 395 -31.97 11.26 5.64
C ASN B 395 -32.87 10.68 6.73
N LYS B 396 -34.10 11.18 6.86
CA LYS B 396 -35.06 10.59 7.79
C LYS B 396 -36.47 10.94 7.32
N GLY B 397 -37.30 9.93 7.18
CA GLY B 397 -38.65 10.12 6.70
C GLY B 397 -39.08 8.91 5.91
N ALA B 398 -40.17 9.06 5.16
CA ALA B 398 -40.67 8.00 4.31
C ALA B 398 -39.75 7.71 3.13
N VAL B 399 -38.89 8.66 2.75
CA VAL B 399 -37.87 8.39 1.74
C VAL B 399 -36.90 7.32 2.22
N ASN B 400 -36.49 7.41 3.49
CA ASN B 400 -35.58 6.41 4.06
C ASN B 400 -36.26 5.05 4.18
N VAL B 401 -37.57 5.02 4.42
CA VAL B 401 -38.29 3.75 4.46
C VAL B 401 -38.60 3.25 3.06
N ALA B 402 -38.52 4.12 2.05
CA ALA B 402 -38.84 3.71 0.68
C ALA B 402 -37.85 2.69 0.14
N ILE B 403 -36.58 2.80 0.51
CA ILE B 403 -35.56 1.81 0.16
C ILE B 403 -34.89 1.38 1.45
N SER B 404 -34.92 0.08 1.74
CA SER B 404 -34.58 -0.47 3.04
C SER B 404 -33.46 -1.50 2.91
N ASN B 405 -33.18 -2.16 4.03
CA ASN B 405 -32.05 -3.10 4.08
C ASN B 405 -32.33 -4.36 3.27
N LYS B 406 -33.56 -4.87 3.30
CA LYS B 406 -33.91 -6.01 2.47
C LYS B 406 -33.82 -5.65 0.99
N ARG B 407 -34.26 -4.45 0.62
CA ARG B 407 -34.23 -4.04 -0.78
C ARG B 407 -32.81 -3.82 -1.27
N LEU B 408 -31.94 -3.21 -0.46
CA LEU B 408 -30.54 -3.05 -0.85
C LEU B 408 -29.76 -4.35 -0.77
N ALA B 409 -30.24 -5.33 0.01
CA ALA B 409 -29.67 -6.67 -0.05
C ALA B 409 -30.11 -7.38 -1.32
N SER B 410 -31.33 -7.11 -1.79
CA SER B 410 -31.77 -7.62 -3.09
C SER B 410 -31.00 -6.97 -4.23
N PHE B 411 -30.58 -5.71 -4.05
CA PHE B 411 -29.74 -5.05 -5.05
C PHE B 411 -28.40 -5.75 -5.20
N GLY B 412 -27.81 -6.19 -4.10
CA GLY B 412 -26.62 -7.03 -4.14
C GLY B 412 -25.37 -6.45 -3.55
N LEU B 413 -25.45 -5.32 -2.85
CA LEU B 413 -24.27 -4.72 -2.25
C LEU B 413 -24.09 -5.24 -0.83
N ILE B 414 -22.88 -5.68 -0.50
CA ILE B 414 -22.58 -6.26 0.80
C ILE B 414 -22.21 -5.16 1.78
N SER B 415 -22.57 -5.35 3.04
CA SER B 415 -22.28 -4.37 4.07
C SER B 415 -20.86 -4.54 4.59
N MET B 416 -20.35 -3.47 5.20
CA MET B 416 -19.00 -3.49 5.76
C MET B 416 -18.93 -4.46 6.94
N LEU B 417 -19.97 -4.50 7.77
CA LEU B 417 -19.95 -5.32 8.98
C LEU B 417 -19.92 -6.81 8.65
N ASP B 418 -20.67 -7.21 7.62
CA ASP B 418 -20.65 -8.62 7.21
C ASP B 418 -19.31 -9.00 6.64
N TYR B 419 -18.66 -8.09 5.91
CA TYR B 419 -17.33 -8.38 5.42
C TYR B 419 -16.30 -8.40 6.55
N TYR B 420 -16.55 -7.71 7.67
CA TYR B 420 -15.77 -7.99 8.88
C TYR B 420 -16.02 -9.38 9.42
N ILE B 421 -17.28 -9.75 9.67
CA ILE B 421 -17.55 -10.96 10.43
C ILE B 421 -17.26 -12.23 9.60
N GLU B 422 -17.15 -12.10 8.28
CA GLU B 422 -16.71 -13.24 7.48
C GLU B 422 -15.19 -13.31 7.38
N LYS B 423 -14.50 -12.17 7.57
CA LYS B 423 -13.07 -12.13 7.37
C LYS B 423 -12.33 -12.64 8.61
N CYS B 424 -11.22 -13.33 8.39
CA CYS B 424 -10.43 -13.86 9.49
C CYS B 424 -9.62 -12.76 10.18
MG MG C . -33.80 23.29 -24.22
MG MG D . -33.30 29.24 -22.07
MG MG E . -32.23 33.75 -19.41
MG MG F . -31.50 37.43 -16.21
MG MG G . -25.43 21.23 -38.41
MG MG H . -21.14 33.20 -15.34
MG MG I . -47.73 50.31 -1.42
MG MG J . -16.71 28.49 3.92
MG MG K . -55.26 17.91 -50.11
MG MG L . -24.61 25.02 -40.03
MG MG M . -48.42 38.00 -16.01
MG MG N . -28.24 39.19 -18.39
MG MG O . -27.04 37.31 -14.21
N NH4 P . -29.90 26.86 -27.96
N NH4 Q . -42.92 20.66 -32.95
#